data_8XLW
#
_entry.id   8XLW
#
_cell.length_a   76.810
_cell.length_b   83.880
_cell.length_c   62.070
_cell.angle_alpha   90.00
_cell.angle_beta   100.38
_cell.angle_gamma   90.00
#
_symmetry.space_group_name_H-M   'C 1 2 1'
#
loop_
_entity.id
_entity.type
_entity.pdbx_description
1 polymer '4-hydroxyphenylpyruvate dioxygenase'
2 non-polymer (1~{R},3~{R},4~{S},5~{S})-3-(2-chloranyl-4-methylsulfonyl-phenyl)carbonyl-4-oxidanyl-bicyclo[3.2.1]octan-2-one
3 non-polymer 'COBALT (II) ION'
4 water water
#
_entity_poly.entity_id   1
_entity_poly.type   'polypeptide(L)'
_entity_poly.pdbx_seq_one_letter_code
;GSHMVRKNPKSDKFKVKRFHHIEFWCGDATNVARRFSWGLGMRFSAKSDLSTGNMVHASYLLTSGDLRFLFTAPYSPSLS
AGEIKPTTTASIPSFDHGSCRSFFSSHGLGVRAVAIEVEDAESAFSISVANGAIPSSPPIVLNEAVTIAEVKLYGDVVLR
YVSYKAEDTEKSEFLPGFERVEDASSFPLDYGIRRLDHAVGNVPELGPALTYVAGFTGFHQFAEFTADDVGTAESGLNSA
VLASNDEMVLLPINEPVHGTKRKSQIQTYLEHNEGAGLQHLALMSEDIFRTLREMRKRSSIGGFDFMPSPPPTYYQNLKK
RVGDVLSDDQIKECEELGILVDRDDQGTLLQIFTKPLGDRPTIFIEIIQRVGCMMKDEEGKAYQSGGCGGFGKGNFSELF
KSIEEYEKTLEAKQLVG
;
_entity_poly.pdbx_strand_id   A
#
loop_
_chem_comp.id
_chem_comp.type
_chem_comp.name
_chem_comp.formula
A1LV9 non-polymer (1~{R},3~{R},4~{S},5~{S})-3-(2-chloranyl-4-methylsulfonyl-phenyl)carbonyl-4-oxidanyl-bicyclo[3.2.1]octan-2-one 'C16 H17 Cl O5 S'
CO non-polymer 'COBALT (II) ION' 'Co 2'
#
# COMPACT_ATOMS: atom_id res chain seq x y z
N LYS A 7 17.92 12.65 -11.77
CA LYS A 7 17.81 12.15 -13.12
C LYS A 7 16.68 11.13 -13.23
N ASN A 8 16.02 11.13 -14.40
CA ASN A 8 14.91 10.21 -14.68
C ASN A 8 15.05 9.76 -16.12
N PRO A 9 15.61 8.56 -16.35
CA PRO A 9 15.81 8.07 -17.72
C PRO A 9 14.53 7.70 -18.44
N LYS A 10 13.39 7.67 -17.74
CA LYS A 10 12.11 7.28 -18.33
C LYS A 10 12.23 5.97 -19.10
N SER A 11 12.65 4.93 -18.38
CA SER A 11 13.04 3.66 -18.98
C SER A 11 11.98 2.57 -18.82
N ASP A 12 10.74 2.92 -18.46
CA ASP A 12 9.68 1.93 -18.33
C ASP A 12 9.57 1.10 -19.61
N LYS A 13 9.53 -0.22 -19.46
CA LYS A 13 9.46 -1.11 -20.61
C LYS A 13 8.04 -1.27 -21.14
N PHE A 14 7.04 -0.75 -20.43
CA PHE A 14 5.67 -0.74 -20.91
C PHE A 14 4.97 0.46 -20.28
N LYS A 15 3.83 0.83 -20.84
CA LYS A 15 3.11 2.02 -20.40
C LYS A 15 2.39 1.73 -19.09
N VAL A 16 2.80 2.43 -18.03
CA VAL A 16 2.19 2.31 -16.70
C VAL A 16 1.37 3.57 -16.45
N LYS A 17 0.19 3.40 -15.86
CA LYS A 17 -0.65 4.56 -15.56
C LYS A 17 -0.54 4.91 -14.08
N ARG A 18 -1.41 4.35 -13.24
CA ARG A 18 -1.39 4.67 -11.82
C ARG A 18 -1.59 3.39 -11.02
N PHE A 19 -1.30 3.46 -9.72
CA PHE A 19 -1.77 2.43 -8.82
C PHE A 19 -3.27 2.26 -9.01
N HIS A 20 -3.71 1.01 -9.04
CA HIS A 20 -5.11 0.69 -9.25
C HIS A 20 -5.80 0.18 -8.01
N HIS A 21 -5.23 -0.84 -7.34
CA HIS A 21 -5.83 -1.35 -6.11
C HIS A 21 -4.80 -2.14 -5.35
N ILE A 22 -5.13 -2.41 -4.08
CA ILE A 22 -4.34 -3.26 -3.21
C ILE A 22 -5.27 -4.36 -2.76
N GLU A 23 -4.84 -5.62 -2.86
CA GLU A 23 -5.64 -6.75 -2.41
C GLU A 23 -5.01 -7.39 -1.17
N PHE A 24 -5.80 -7.49 -0.10
CA PHE A 24 -5.46 -8.21 1.10
C PHE A 24 -6.04 -9.61 1.01
N TRP A 25 -5.23 -10.60 1.34
CA TRP A 25 -5.74 -11.96 1.53
C TRP A 25 -6.01 -12.17 3.02
N CYS A 26 -7.21 -12.66 3.32
CA CYS A 26 -7.80 -12.63 4.65
C CYS A 26 -8.27 -14.04 5.00
N GLY A 27 -8.51 -14.23 6.29
CA GLY A 27 -9.23 -15.42 6.71
C GLY A 27 -10.73 -15.22 6.56
N ASP A 28 -11.20 -14.07 7.00
CA ASP A 28 -12.59 -13.67 6.87
C ASP A 28 -12.60 -12.25 6.30
N ALA A 29 -13.02 -12.12 5.04
CA ALA A 29 -12.95 -10.81 4.38
C ALA A 29 -13.96 -9.84 4.96
N THR A 30 -15.12 -10.33 5.40
CA THR A 30 -16.17 -9.46 5.92
C THR A 30 -15.69 -8.66 7.12
N ASN A 31 -15.05 -9.35 8.08
CA ASN A 31 -14.66 -8.65 9.31
C ASN A 31 -13.51 -7.69 9.09
N VAL A 32 -12.53 -8.07 8.27
CA VAL A 32 -11.43 -7.16 7.96
C VAL A 32 -11.95 -5.93 7.20
N ALA A 33 -12.76 -6.16 6.16
CA ALA A 33 -13.31 -5.04 5.39
C ALA A 33 -14.14 -4.10 6.25
N ARG A 34 -14.98 -4.63 7.14
CA ARG A 34 -15.79 -3.76 7.99
C ARG A 34 -14.93 -2.95 8.95
N ARG A 35 -13.90 -3.57 9.54
CA ARG A 35 -12.97 -2.86 10.41
C ARG A 35 -12.26 -1.75 9.64
N PHE A 36 -11.71 -2.07 8.46
CA PHE A 36 -10.99 -1.09 7.66
C PHE A 36 -11.90 0.06 7.19
N SER A 37 -13.15 -0.27 6.82
CA SER A 37 -14.08 0.77 6.38
C SER A 37 -14.26 1.82 7.46
N TRP A 38 -14.53 1.38 8.69
CA TRP A 38 -14.76 2.32 9.79
C TRP A 38 -13.47 3.02 10.20
N GLY A 39 -12.35 2.29 10.24
CA GLY A 39 -11.11 2.88 10.72
C GLY A 39 -10.53 3.92 9.77
N LEU A 40 -10.69 3.73 8.45
CA LEU A 40 -10.07 4.58 7.44
C LEU A 40 -11.05 5.49 6.72
N GLY A 41 -12.35 5.29 6.90
CA GLY A 41 -13.32 6.14 6.23
C GLY A 41 -13.47 5.76 4.79
N MET A 42 -13.54 4.48 4.48
CA MET A 42 -13.67 4.01 3.11
C MET A 42 -15.05 3.39 2.95
N ARG A 43 -15.67 3.63 1.82
CA ARG A 43 -16.97 3.09 1.65
C ARG A 43 -16.99 1.77 0.87
N PHE A 44 -17.96 0.94 1.20
CA PHE A 44 -18.18 -0.31 0.48
C PHE A 44 -18.73 -0.01 -0.89
N SER A 45 -18.00 -0.39 -1.94
CA SER A 45 -18.38 0.01 -3.29
C SER A 45 -18.63 -1.14 -4.24
N ALA A 46 -18.09 -2.34 -4.01
CA ALA A 46 -18.33 -3.45 -4.91
C ALA A 46 -18.14 -4.76 -4.16
N LYS A 47 -18.74 -5.82 -4.70
CA LYS A 47 -18.63 -7.13 -4.06
C LYS A 47 -18.66 -8.24 -5.11
N SER A 48 -18.01 -9.35 -4.78
CA SER A 48 -18.11 -10.59 -5.56
C SER A 48 -18.11 -11.70 -4.52
N ASP A 49 -19.22 -12.42 -4.41
CA ASP A 49 -19.40 -13.38 -3.33
C ASP A 49 -20.55 -14.31 -3.69
N LEU A 50 -21.03 -15.07 -2.70
CA LEU A 50 -22.10 -16.02 -2.97
C LEU A 50 -23.31 -15.33 -3.58
N SER A 51 -23.61 -14.11 -3.13
CA SER A 51 -24.78 -13.39 -3.62
C SER A 51 -24.64 -12.96 -5.08
N THR A 52 -23.43 -12.92 -5.62
CA THR A 52 -23.20 -12.57 -7.01
C THR A 52 -22.87 -13.80 -7.86
N GLY A 53 -22.99 -15.00 -7.29
CA GLY A 53 -22.74 -16.22 -8.01
C GLY A 53 -21.33 -16.76 -7.90
N ASN A 54 -20.49 -16.16 -7.07
CA ASN A 54 -19.11 -16.60 -6.89
C ASN A 54 -19.09 -17.65 -5.79
N MET A 55 -18.84 -18.90 -6.16
CA MET A 55 -18.79 -20.01 -5.21
C MET A 55 -17.37 -20.27 -4.71
N VAL A 56 -16.41 -19.47 -5.15
CA VAL A 56 -14.99 -19.72 -4.88
C VAL A 56 -14.44 -18.83 -3.79
N HIS A 57 -14.61 -17.52 -3.93
CA HIS A 57 -14.02 -16.57 -3.00
C HIS A 57 -15.00 -15.44 -2.69
N ALA A 58 -14.83 -14.86 -1.51
CA ALA A 58 -15.58 -13.67 -1.11
C ALA A 58 -14.64 -12.49 -1.24
N SER A 59 -15.03 -11.47 -2.01
CA SER A 59 -14.19 -10.31 -2.23
C SER A 59 -15.01 -9.05 -2.07
N TYR A 60 -14.53 -8.12 -1.23
CA TYR A 60 -15.24 -6.88 -0.97
C TYR A 60 -14.31 -5.70 -1.25
N LEU A 61 -14.81 -4.72 -2.00
CA LEU A 61 -14.02 -3.56 -2.40
C LEU A 61 -14.45 -2.34 -1.60
N LEU A 62 -13.47 -1.70 -0.94
CA LEU A 62 -13.65 -0.40 -0.31
C LEU A 62 -12.95 0.66 -1.13
N THR A 63 -13.55 1.86 -1.20
CA THR A 63 -12.92 2.96 -1.93
C THR A 63 -12.92 4.24 -1.11
N SER A 64 -11.90 5.06 -1.32
CA SER A 64 -11.93 6.44 -0.84
C SER A 64 -11.19 7.27 -1.88
N GLY A 65 -11.92 8.15 -2.57
CA GLY A 65 -11.34 8.78 -3.74
C GLY A 65 -10.90 7.73 -4.75
N ASP A 66 -9.64 7.78 -5.15
CA ASP A 66 -9.07 6.81 -6.08
C ASP A 66 -8.44 5.62 -5.39
N LEU A 67 -8.43 5.59 -4.04
CA LEU A 67 -7.84 4.47 -3.32
C LEU A 67 -8.82 3.30 -3.32
N ARG A 68 -8.32 2.13 -3.70
CA ARG A 68 -9.15 0.93 -3.76
C ARG A 68 -8.48 -0.16 -2.95
N PHE A 69 -9.17 -0.61 -1.89
CA PHE A 69 -8.71 -1.74 -1.08
C PHE A 69 -9.66 -2.90 -1.31
N LEU A 70 -9.12 -4.05 -1.72
CA LEU A 70 -9.90 -5.26 -1.92
C LEU A 70 -9.54 -6.28 -0.84
N PHE A 71 -10.55 -6.92 -0.26
CA PHE A 71 -10.38 -7.93 0.80
C PHE A 71 -10.98 -9.23 0.32
N THR A 72 -10.17 -10.29 0.26
CA THR A 72 -10.59 -11.55 -0.31
C THR A 72 -10.27 -12.71 0.63
N ALA A 73 -11.20 -13.66 0.74
CA ALA A 73 -11.01 -14.87 1.51
C ALA A 73 -11.64 -16.04 0.78
N PRO A 74 -11.13 -17.25 0.99
CA PRO A 74 -11.70 -18.42 0.31
C PRO A 74 -12.91 -18.99 1.04
N TYR A 75 -13.87 -19.48 0.26
CA TYR A 75 -14.93 -20.33 0.80
C TYR A 75 -14.41 -21.76 0.94
N SER A 76 -15.24 -22.63 1.49
CA SER A 76 -14.92 -24.06 1.46
C SER A 76 -14.74 -24.50 0.02
N PRO A 77 -13.65 -25.22 -0.30
CA PRO A 77 -13.50 -25.75 -1.67
C PRO A 77 -14.66 -26.63 -2.10
N SER A 78 -15.39 -27.24 -1.16
CA SER A 78 -16.50 -28.10 -1.52
C SER A 78 -17.55 -27.38 -2.38
N LEU A 79 -17.73 -26.06 -2.18
CA LEU A 79 -18.76 -25.36 -2.93
C LEU A 79 -18.46 -25.29 -4.42
N SER A 80 -17.19 -25.43 -4.80
CA SER A 80 -16.76 -25.29 -6.19
C SER A 80 -16.04 -26.55 -6.67
N ALA A 81 -16.23 -27.68 -5.98
CA ALA A 81 -15.45 -28.87 -6.25
C ALA A 81 -15.68 -29.39 -7.67
N GLY A 82 -16.85 -29.15 -8.23
CA GLY A 82 -17.14 -29.58 -9.58
C GLY A 82 -16.67 -28.64 -10.67
N GLU A 83 -16.15 -27.46 -10.31
CA GLU A 83 -15.70 -26.51 -11.30
C GLU A 83 -14.30 -26.87 -11.79
N ILE A 84 -13.99 -26.41 -13.00
CA ILE A 84 -12.63 -26.36 -13.52
C ILE A 84 -12.38 -24.92 -13.97
N LYS A 85 -11.14 -24.58 -14.26
CA LYS A 85 -10.86 -23.23 -14.67
C LYS A 85 -11.77 -22.73 -15.81
N PRO A 86 -11.95 -23.51 -16.87
CA PRO A 86 -12.90 -23.07 -17.91
C PRO A 86 -14.33 -22.83 -17.43
N THR A 87 -14.76 -23.40 -16.29
CA THR A 87 -16.13 -23.23 -15.80
C THR A 87 -16.17 -22.48 -14.47
N THR A 88 -15.10 -21.77 -14.11
CA THR A 88 -15.02 -21.20 -12.78
C THR A 88 -16.08 -20.12 -12.56
N THR A 89 -16.55 -20.02 -11.31
CA THR A 89 -17.37 -18.90 -10.88
C THR A 89 -16.57 -17.83 -10.15
N ALA A 90 -15.26 -18.02 -10.00
CA ALA A 90 -14.41 -16.96 -9.45
C ALA A 90 -14.40 -15.75 -10.37
N SER A 91 -14.40 -14.57 -9.78
CA SER A 91 -14.30 -13.34 -10.54
C SER A 91 -12.85 -12.89 -10.71
N ILE A 92 -11.95 -13.39 -9.89
CA ILE A 92 -10.53 -13.12 -10.04
C ILE A 92 -9.87 -14.44 -10.43
N PRO A 93 -9.57 -14.66 -11.71
CA PRO A 93 -9.17 -16.01 -12.14
C PRO A 93 -7.84 -16.47 -11.61
N SER A 94 -7.01 -15.56 -11.10
CA SER A 94 -5.76 -15.95 -10.45
C SER A 94 -5.97 -16.52 -9.05
N PHE A 95 -7.16 -16.39 -8.48
CA PHE A 95 -7.36 -16.89 -7.13
C PHE A 95 -7.22 -18.41 -7.08
N ASP A 96 -6.61 -18.91 -6.00
CA ASP A 96 -6.51 -20.33 -5.74
C ASP A 96 -6.69 -20.57 -4.24
N HIS A 97 -7.57 -21.50 -3.87
CA HIS A 97 -7.83 -21.78 -2.46
C HIS A 97 -6.54 -22.12 -1.71
N GLY A 98 -5.78 -23.07 -2.24
CA GLY A 98 -4.57 -23.49 -1.55
C GLY A 98 -3.56 -22.37 -1.38
N SER A 99 -3.36 -21.57 -2.45
CA SER A 99 -2.43 -20.45 -2.37
C SER A 99 -2.86 -19.46 -1.30
N CYS A 100 -4.16 -19.13 -1.28
CA CYS A 100 -4.66 -18.17 -0.31
C CYS A 100 -4.53 -18.69 1.11
N ARG A 101 -4.92 -19.95 1.34
CA ARG A 101 -4.80 -20.50 2.69
C ARG A 101 -3.33 -20.59 3.12
N SER A 102 -2.45 -20.98 2.20
CA SER A 102 -1.03 -21.06 2.51
C SER A 102 -0.45 -19.69 2.82
N PHE A 103 -0.79 -18.70 1.99
CA PHE A 103 -0.35 -17.33 2.24
C PHE A 103 -0.75 -16.87 3.62
N PHE A 104 -2.02 -17.05 3.97
CA PHE A 104 -2.51 -16.53 5.24
C PHE A 104 -1.92 -17.29 6.43
N SER A 105 -1.79 -18.62 6.31
CA SER A 105 -1.19 -19.37 7.39
C SER A 105 0.27 -18.96 7.60
N SER A 106 0.98 -18.67 6.50
CA SER A 106 2.39 -18.33 6.60
C SER A 106 2.59 -16.91 7.10
N HIS A 107 1.89 -15.95 6.52
CA HIS A 107 2.19 -14.54 6.74
C HIS A 107 1.20 -13.81 7.63
N GLY A 108 0.03 -14.39 7.89
CA GLY A 108 -1.07 -13.66 8.51
C GLY A 108 -1.67 -12.66 7.52
N LEU A 109 -2.56 -11.82 8.06
CA LEU A 109 -3.25 -10.81 7.26
C LEU A 109 -2.26 -9.86 6.60
N GLY A 110 -2.37 -9.71 5.29
CA GLY A 110 -1.41 -8.88 4.58
C GLY A 110 -1.77 -8.74 3.12
N VAL A 111 -0.92 -8.00 2.43
CA VAL A 111 -1.14 -7.68 1.01
C VAL A 111 -0.62 -8.82 0.14
N ARG A 112 -1.52 -9.38 -0.66
CA ARG A 112 -1.15 -10.33 -1.71
C ARG A 112 -0.81 -9.62 -3.02
N ALA A 113 -1.58 -8.60 -3.43
CA ALA A 113 -1.39 -7.98 -4.74
C ALA A 113 -1.27 -6.46 -4.65
N VAL A 114 -0.21 -5.94 -5.27
CA VAL A 114 -0.07 -4.52 -5.58
C VAL A 114 -0.45 -4.40 -7.04
N ALA A 115 -1.57 -3.76 -7.34
CA ALA A 115 -2.07 -3.71 -8.71
C ALA A 115 -1.86 -2.33 -9.29
N ILE A 116 -1.33 -2.30 -10.51
CA ILE A 116 -1.14 -1.07 -11.27
C ILE A 116 -1.94 -1.17 -12.56
N GLU A 117 -2.53 -0.07 -12.98
CA GLU A 117 -3.20 -0.03 -14.27
C GLU A 117 -2.15 0.27 -15.33
N VAL A 118 -2.20 -0.50 -16.42
CA VAL A 118 -1.28 -0.36 -17.53
C VAL A 118 -2.10 -0.24 -18.80
N GLU A 119 -1.42 0.09 -19.91
CA GLU A 119 -2.11 0.23 -21.19
C GLU A 119 -2.62 -1.11 -21.69
N ASP A 120 -1.82 -2.16 -21.52
CA ASP A 120 -2.12 -3.49 -22.06
C ASP A 120 -1.51 -4.49 -21.10
N ALA A 121 -2.35 -5.17 -20.33
CA ALA A 121 -1.84 -6.11 -19.33
C ALA A 121 -1.15 -7.31 -19.96
N GLU A 122 -1.59 -7.73 -21.16
CA GLU A 122 -0.91 -8.86 -21.79
C GLU A 122 0.48 -8.46 -22.27
N SER A 123 0.60 -7.28 -22.87
CA SER A 123 1.92 -6.78 -23.26
C SER A 123 2.82 -6.61 -22.04
N ALA A 124 2.29 -6.00 -20.97
CA ALA A 124 3.09 -5.80 -19.76
C ALA A 124 3.59 -7.12 -19.21
N PHE A 125 2.71 -8.13 -19.17
CA PHE A 125 3.12 -9.45 -18.68
C PHE A 125 4.21 -10.04 -19.58
N SER A 126 3.98 -10.02 -20.90
CA SER A 126 4.94 -10.60 -21.85
C SER A 126 6.29 -9.91 -21.75
N ILE A 127 6.30 -8.57 -21.77
CA ILE A 127 7.55 -7.83 -21.66
C ILE A 127 8.23 -8.08 -20.32
N SER A 128 7.44 -8.11 -19.23
CA SER A 128 8.01 -8.37 -17.92
C SER A 128 8.70 -9.73 -17.88
N VAL A 129 8.01 -10.78 -18.34
CA VAL A 129 8.58 -12.12 -18.28
C VAL A 129 9.78 -12.24 -19.21
N ALA A 130 9.73 -11.62 -20.39
CA ALA A 130 10.90 -11.58 -21.26
C ALA A 130 12.08 -10.90 -20.60
N ASN A 131 11.84 -10.02 -19.64
CA ASN A 131 12.89 -9.32 -18.92
C ASN A 131 13.11 -9.83 -17.50
N GLY A 132 12.74 -11.09 -17.22
CA GLY A 132 13.15 -11.75 -16.00
C GLY A 132 12.07 -11.91 -14.94
N ALA A 133 10.90 -11.32 -15.12
CA ALA A 133 9.83 -11.47 -14.13
C ALA A 133 9.41 -12.92 -14.02
N ILE A 134 9.21 -13.38 -12.79
CA ILE A 134 8.71 -14.73 -12.54
C ILE A 134 7.20 -14.69 -12.71
N PRO A 135 6.64 -15.42 -13.67
CA PRO A 135 5.19 -15.39 -13.88
C PRO A 135 4.44 -15.98 -12.68
N SER A 136 3.29 -15.37 -12.37
CA SER A 136 2.44 -15.88 -11.31
C SER A 136 1.06 -16.26 -11.81
N SER A 137 0.48 -15.44 -12.69
CA SER A 137 -0.79 -15.75 -13.31
C SER A 137 -0.79 -15.14 -14.71
N PRO A 138 -1.12 -15.92 -15.73
CA PRO A 138 -1.03 -15.44 -17.09
C PRO A 138 -2.14 -14.45 -17.41
N PRO A 139 -2.01 -13.68 -18.49
CA PRO A 139 -3.07 -12.74 -18.85
C PRO A 139 -4.38 -13.47 -19.12
N ILE A 140 -5.44 -12.99 -18.48
CA ILE A 140 -6.77 -13.52 -18.69
C ILE A 140 -7.70 -12.36 -19.01
N VAL A 141 -8.48 -12.50 -20.07
CA VAL A 141 -9.41 -11.47 -20.51
C VAL A 141 -10.77 -11.76 -19.89
N LEU A 142 -11.29 -10.80 -19.14
CA LEU A 142 -12.58 -10.94 -18.46
C LEU A 142 -13.64 -10.20 -19.25
N ASN A 143 -14.66 -10.94 -19.71
CA ASN A 143 -15.83 -10.37 -20.40
C ASN A 143 -15.42 -9.46 -21.56
N GLU A 144 -14.36 -9.85 -22.26
CA GLU A 144 -13.75 -9.05 -23.32
C GLU A 144 -13.65 -7.57 -22.96
N ALA A 145 -13.30 -7.25 -21.72
CA ALA A 145 -13.35 -5.86 -21.29
C ALA A 145 -12.14 -5.48 -20.45
N VAL A 146 -11.67 -6.40 -19.62
CA VAL A 146 -10.56 -6.12 -18.71
C VAL A 146 -9.59 -7.29 -18.79
N THR A 147 -8.29 -6.98 -18.85
CA THR A 147 -7.26 -8.01 -18.82
C THR A 147 -6.47 -7.88 -17.53
N ILE A 148 -6.19 -9.03 -16.91
CA ILE A 148 -5.47 -9.10 -15.65
C ILE A 148 -4.35 -10.12 -15.77
N ALA A 149 -3.18 -9.78 -15.23
CA ALA A 149 -2.03 -10.68 -15.23
C ALA A 149 -1.18 -10.37 -14.00
N GLU A 150 -0.39 -11.35 -13.56
CA GLU A 150 0.37 -11.19 -12.32
C GLU A 150 1.77 -11.79 -12.45
N VAL A 151 2.75 -11.08 -11.88
CA VAL A 151 4.13 -11.56 -11.79
C VAL A 151 4.57 -11.42 -10.33
N LYS A 152 5.58 -12.20 -9.95
CA LYS A 152 6.07 -12.10 -8.58
C LYS A 152 6.82 -10.79 -8.35
N LEU A 153 6.52 -10.15 -7.23
CA LEU A 153 7.19 -8.90 -6.84
C LEU A 153 8.28 -9.16 -5.80
N TYR A 154 7.89 -9.62 -4.61
CA TYR A 154 8.81 -10.07 -3.58
C TYR A 154 8.01 -10.95 -2.62
N GLY A 155 8.69 -11.91 -1.99
CA GLY A 155 7.99 -12.86 -1.14
C GLY A 155 6.83 -13.51 -1.90
N ASP A 156 5.66 -13.54 -1.25
CA ASP A 156 4.44 -14.01 -1.87
C ASP A 156 3.54 -12.86 -2.32
N VAL A 157 4.11 -11.66 -2.50
CA VAL A 157 3.39 -10.52 -3.04
C VAL A 157 3.55 -10.52 -4.57
N VAL A 158 2.44 -10.28 -5.26
CA VAL A 158 2.47 -10.17 -6.72
C VAL A 158 2.27 -8.72 -7.14
N LEU A 159 2.89 -8.36 -8.27
CA LEU A 159 2.56 -7.15 -9.00
C LEU A 159 1.50 -7.53 -10.03
N ARG A 160 0.31 -6.96 -9.92
CA ARG A 160 -0.82 -7.30 -10.77
C ARG A 160 -0.98 -6.19 -11.80
N TYR A 161 -1.02 -6.56 -13.08
CA TYR A 161 -1.30 -5.64 -14.15
C TYR A 161 -2.78 -5.71 -14.51
N VAL A 162 -3.43 -4.56 -14.61
CA VAL A 162 -4.82 -4.48 -15.04
C VAL A 162 -4.92 -3.48 -16.19
N SER A 163 -5.64 -3.86 -17.25
CA SER A 163 -5.87 -2.92 -18.35
C SER A 163 -7.31 -3.00 -18.81
N TYR A 164 -7.86 -1.85 -19.22
CA TYR A 164 -9.27 -1.73 -19.54
C TYR A 164 -9.43 -1.30 -20.99
N LYS A 165 -10.32 -1.99 -21.71
CA LYS A 165 -10.60 -1.61 -23.09
C LYS A 165 -11.21 -0.21 -23.16
N ALA A 166 -12.22 0.04 -22.34
CA ALA A 166 -12.86 1.35 -22.34
C ALA A 166 -12.29 2.24 -21.23
N GLU A 173 -17.90 -1.39 -11.68
CA GLU A 173 -17.05 -1.25 -12.85
C GLU A 173 -15.61 -1.68 -12.52
N PHE A 174 -15.41 -2.14 -11.29
CA PHE A 174 -14.10 -2.59 -10.84
C PHE A 174 -13.56 -3.71 -11.73
N LEU A 175 -14.22 -4.85 -11.70
CA LEU A 175 -13.92 -5.97 -12.55
C LEU A 175 -15.24 -6.62 -12.94
N PRO A 176 -15.29 -7.27 -14.11
CA PRO A 176 -16.51 -8.00 -14.47
C PRO A 176 -16.81 -9.06 -13.41
N GLY A 177 -18.10 -9.24 -13.14
CA GLY A 177 -18.51 -10.15 -12.12
C GLY A 177 -18.65 -9.53 -10.75
N PHE A 178 -18.08 -8.35 -10.53
CA PHE A 178 -18.35 -7.60 -9.31
C PHE A 178 -19.63 -6.81 -9.50
N GLU A 179 -20.38 -6.68 -8.42
CA GLU A 179 -21.60 -5.89 -8.41
C GLU A 179 -21.42 -4.68 -7.52
N ARG A 180 -21.98 -3.55 -7.93
CA ARG A 180 -22.03 -2.36 -7.08
C ARG A 180 -22.90 -2.64 -5.86
N VAL A 181 -22.52 -2.01 -4.74
CA VAL A 181 -23.18 -2.29 -3.49
C VAL A 181 -24.47 -1.54 -3.19
N GLU A 182 -25.49 -2.25 -2.63
CA GLU A 182 -26.80 -1.76 -2.15
C GLU A 182 -26.60 -0.48 -1.39
N ASP A 183 -27.31 0.56 -1.75
CA ASP A 183 -27.21 1.87 -1.12
C ASP A 183 -27.19 1.85 0.37
N ALA A 184 -28.03 1.02 0.96
CA ALA A 184 -28.15 0.94 2.40
C ALA A 184 -26.89 0.36 3.05
N SER A 185 -26.25 -0.60 2.40
CA SER A 185 -24.99 -1.11 2.89
C SER A 185 -23.81 -0.22 2.53
N SER A 186 -24.03 0.82 1.73
CA SER A 186 -22.97 1.73 1.29
C SER A 186 -23.17 3.08 1.99
N PHE A 187 -22.64 3.19 3.19
CA PHE A 187 -22.63 4.45 3.93
C PHE A 187 -21.49 5.31 3.41
N PRO A 188 -21.73 6.62 3.10
CA PRO A 188 -20.70 7.44 2.42
C PRO A 188 -19.65 8.01 3.37
N LEU A 189 -18.94 7.13 4.05
CA LEU A 189 -17.83 7.56 4.89
C LEU A 189 -16.73 8.20 4.03
N ASP A 190 -16.06 9.19 4.60
CA ASP A 190 -14.92 9.82 3.93
C ASP A 190 -14.14 10.64 4.95
N TYR A 191 -12.91 10.23 5.27
CA TYR A 191 -12.07 11.02 6.16
C TYR A 191 -10.99 11.80 5.41
N GLY A 192 -11.05 11.82 4.08
CA GLY A 192 -10.14 12.63 3.29
C GLY A 192 -9.07 11.85 2.52
N ILE A 193 -8.99 10.54 2.68
CA ILE A 193 -8.00 9.78 1.94
C ILE A 193 -8.39 9.71 0.46
N ARG A 194 -7.41 9.87 -0.43
CA ARG A 194 -7.69 10.03 -1.85
C ARG A 194 -6.96 9.09 -2.80
N ARG A 195 -5.76 8.59 -2.45
CA ARG A 195 -5.05 7.70 -3.37
C ARG A 195 -3.90 7.01 -2.65
N LEU A 196 -3.39 5.95 -3.27
CA LEU A 196 -2.17 5.30 -2.79
C LEU A 196 -0.96 6.08 -3.29
N ASP A 197 -0.11 6.51 -2.36
CA ASP A 197 1.08 7.26 -2.72
C ASP A 197 2.26 6.32 -2.99
N HIS A 198 2.48 5.35 -2.10
CA HIS A 198 3.54 4.39 -2.32
C HIS A 198 3.26 3.12 -1.53
N ALA A 199 3.93 2.04 -1.92
CA ALA A 199 3.77 0.74 -1.29
C ALA A 199 5.16 0.17 -1.12
N VAL A 200 5.49 -0.25 0.10
CA VAL A 200 6.84 -0.52 0.53
C VAL A 200 6.99 -1.99 0.88
N GLY A 201 8.04 -2.63 0.37
CA GLY A 201 8.35 -4.00 0.68
C GLY A 201 9.57 -4.14 1.57
N ASN A 202 9.57 -5.17 2.42
CA ASN A 202 10.73 -5.57 3.19
C ASN A 202 11.26 -6.87 2.62
N VAL A 203 12.57 -6.92 2.38
CA VAL A 203 13.24 -8.10 1.84
C VAL A 203 14.49 -8.39 2.67
N PRO A 204 15.01 -9.62 2.61
CA PRO A 204 16.29 -9.89 3.28
C PRO A 204 17.46 -9.21 2.60
N GLU A 205 17.45 -9.07 1.27
CA GLU A 205 18.59 -8.53 0.52
C GLU A 205 18.09 -7.50 -0.49
N LEU A 206 18.45 -6.23 -0.26
CA LEU A 206 17.95 -5.15 -1.10
C LEU A 206 18.49 -5.22 -2.53
N GLY A 207 19.79 -5.47 -2.69
CA GLY A 207 20.41 -5.45 -4.00
C GLY A 207 19.73 -6.35 -5.00
N PRO A 208 19.61 -7.65 -4.69
CA PRO A 208 18.93 -8.57 -5.62
C PRO A 208 17.48 -8.22 -5.86
N ALA A 209 16.77 -7.69 -4.85
CA ALA A 209 15.37 -7.31 -5.08
C ALA A 209 15.26 -6.15 -6.05
N LEU A 210 16.09 -5.12 -5.89
CA LEU A 210 16.09 -3.99 -6.81
C LEU A 210 16.42 -4.43 -8.23
N THR A 211 17.48 -5.23 -8.39
CA THR A 211 17.89 -5.68 -9.72
C THR A 211 16.77 -6.45 -10.39
N TYR A 212 16.08 -7.30 -9.64
CA TYR A 212 14.98 -8.07 -10.20
C TYR A 212 13.83 -7.17 -10.66
N VAL A 213 13.32 -6.31 -9.77
CA VAL A 213 12.14 -5.52 -10.11
C VAL A 213 12.46 -4.48 -11.18
N ALA A 214 13.54 -3.73 -10.99
CA ALA A 214 13.92 -2.76 -12.02
C ALA A 214 14.24 -3.45 -13.34
N GLY A 215 14.77 -4.67 -13.25
CA GLY A 215 15.07 -5.43 -14.46
C GLY A 215 13.86 -5.69 -15.33
N PHE A 216 12.74 -6.09 -14.72
CA PHE A 216 11.58 -6.44 -15.54
C PHE A 216 10.62 -5.29 -15.81
N THR A 217 10.64 -4.22 -15.00
CA THR A 217 9.78 -3.07 -15.22
C THR A 217 10.44 -1.96 -16.00
N GLY A 218 11.76 -1.83 -15.90
CA GLY A 218 12.40 -0.61 -16.33
C GLY A 218 12.18 0.57 -15.40
N PHE A 219 11.57 0.35 -14.23
CA PHE A 219 11.46 1.42 -13.25
C PHE A 219 12.85 1.91 -12.84
N HIS A 220 12.96 3.21 -12.63
CA HIS A 220 14.24 3.82 -12.31
C HIS A 220 14.34 4.12 -10.82
N GLN A 221 15.56 4.33 -10.36
CA GLN A 221 15.77 4.70 -8.96
C GLN A 221 15.37 6.15 -8.74
N PHE A 222 14.52 6.37 -7.75
CA PHE A 222 14.02 7.70 -7.43
C PHE A 222 14.99 8.40 -6.48
N ALA A 223 15.24 9.68 -6.75
CA ALA A 223 16.31 10.43 -6.11
C ALA A 223 16.05 10.61 -4.61
N GLU A 224 16.99 10.16 -3.79
CA GLU A 224 16.94 10.39 -2.35
C GLU A 224 17.87 11.54 -1.99
N GLU A 234 22.37 3.28 14.32
CA GLU A 234 21.88 3.76 13.04
C GLU A 234 20.38 3.52 12.86
N SER A 235 19.96 3.35 11.62
CA SER A 235 18.54 3.26 11.28
C SER A 235 18.01 1.84 11.39
N GLY A 236 18.86 0.84 11.22
CA GLY A 236 18.44 -0.54 11.13
C GLY A 236 17.98 -0.96 9.74
N LEU A 237 18.09 -0.10 8.73
CA LEU A 237 17.64 -0.45 7.39
C LEU A 237 18.51 0.23 6.35
N ASN A 238 18.51 -0.36 5.15
CA ASN A 238 18.89 0.32 3.92
C ASN A 238 17.68 0.28 2.99
N SER A 239 17.48 1.36 2.23
CA SER A 239 16.30 1.48 1.39
C SER A 239 16.65 2.10 0.06
N ALA A 240 15.81 1.82 -0.94
CA ALA A 240 15.86 2.50 -2.21
C ALA A 240 14.47 2.46 -2.81
N VAL A 241 14.17 3.40 -3.70
CA VAL A 241 12.82 3.58 -4.24
C VAL A 241 12.85 3.42 -5.77
N LEU A 242 11.99 2.55 -6.28
CA LEU A 242 11.79 2.40 -7.72
C LEU A 242 10.55 3.16 -8.17
N ALA A 243 10.62 3.77 -9.37
CA ALA A 243 9.58 4.68 -9.81
C ALA A 243 9.32 4.52 -11.30
N SER A 244 8.06 4.72 -11.70
CA SER A 244 7.68 4.71 -13.10
C SER A 244 8.08 6.04 -13.77
N ASN A 245 7.79 6.14 -15.08
CA ASN A 245 8.27 7.27 -15.89
C ASN A 245 7.84 8.62 -15.30
N ASP A 246 6.57 8.77 -14.96
CA ASP A 246 6.09 10.00 -14.35
C ASP A 246 6.19 9.99 -12.83
N GLU A 247 6.81 8.96 -12.26
CA GLU A 247 7.08 8.86 -10.84
C GLU A 247 5.81 8.87 -9.99
N MET A 248 4.71 8.38 -10.58
CA MET A 248 3.46 8.23 -9.84
C MET A 248 3.28 6.84 -9.25
N VAL A 249 3.91 5.83 -9.82
CA VAL A 249 4.00 4.52 -9.16
C VAL A 249 5.35 4.48 -8.47
N LEU A 250 5.31 4.33 -7.14
CA LEU A 250 6.49 4.43 -6.28
C LEU A 250 6.56 3.19 -5.41
N LEU A 251 7.67 2.46 -5.51
CA LEU A 251 7.84 1.18 -4.83
C LEU A 251 9.15 1.18 -4.04
N PRO A 252 9.15 1.70 -2.83
CA PRO A 252 10.34 1.57 -1.98
C PRO A 252 10.52 0.14 -1.50
N ILE A 253 11.78 -0.23 -1.26
CA ILE A 253 12.15 -1.55 -0.77
C ILE A 253 13.22 -1.38 0.30
N ASN A 254 13.07 -2.12 1.41
CA ASN A 254 13.97 -2.06 2.56
C ASN A 254 14.63 -3.42 2.78
N GLU A 255 15.86 -3.39 3.28
CA GLU A 255 16.54 -4.55 3.83
C GLU A 255 17.01 -4.22 5.25
N PRO A 256 17.19 -5.22 6.10
CA PRO A 256 17.67 -4.95 7.46
C PRO A 256 19.16 -4.63 7.48
N VAL A 257 19.57 -3.95 8.55
CA VAL A 257 20.97 -3.74 8.88
C VAL A 257 21.22 -4.41 10.23
N HIS A 258 22.11 -5.39 10.24
CA HIS A 258 22.29 -6.27 11.40
C HIS A 258 23.39 -5.73 12.32
N GLY A 259 23.32 -6.17 13.58
CA GLY A 259 24.30 -5.79 14.56
C GLY A 259 24.10 -4.43 15.20
N THR A 260 22.99 -3.76 14.92
CA THR A 260 22.72 -2.47 15.52
C THR A 260 22.34 -2.63 16.99
N LYS A 261 22.41 -1.51 17.72
CA LYS A 261 22.04 -1.50 19.14
C LYS A 261 20.62 -2.02 19.31
N ARG A 262 19.64 -1.23 18.87
CA ARG A 262 18.28 -1.72 18.78
C ARG A 262 18.17 -2.64 17.58
N LYS A 263 17.53 -3.79 17.76
CA LYS A 263 17.35 -4.74 16.68
C LYS A 263 16.54 -4.10 15.56
N SER A 264 16.92 -4.42 14.32
CA SER A 264 16.28 -3.84 13.15
C SER A 264 14.81 -4.23 13.10
N GLN A 265 13.95 -3.22 12.96
CA GLN A 265 12.54 -3.48 12.76
C GLN A 265 12.26 -4.20 11.44
N ILE A 266 13.15 -4.07 10.46
CA ILE A 266 13.01 -4.85 9.22
C ILE A 266 13.19 -6.33 9.50
N GLN A 267 14.18 -6.67 10.33
CA GLN A 267 14.41 -8.06 10.69
C GLN A 267 13.27 -8.63 11.52
N THR A 268 12.76 -7.84 12.48
CA THR A 268 11.57 -8.27 13.22
C THR A 268 10.42 -8.58 12.26
N TYR A 269 10.19 -7.70 11.29
CA TYR A 269 9.17 -7.95 10.28
C TYR A 269 9.39 -9.29 9.59
N LEU A 270 10.62 -9.51 9.10
CA LEU A 270 10.88 -10.74 8.33
C LEU A 270 10.65 -11.98 9.19
N GLU A 271 10.99 -11.90 10.48
CA GLU A 271 10.77 -13.04 11.37
C GLU A 271 9.27 -13.29 11.57
N HIS A 272 8.51 -12.24 11.91
CA HIS A 272 7.10 -12.45 12.21
C HIS A 272 6.27 -12.72 10.96
N ASN A 273 6.72 -12.22 9.81
CA ASN A 273 6.00 -12.42 8.55
C ASN A 273 6.34 -13.73 7.86
N GLU A 274 7.32 -14.48 8.38
CA GLU A 274 7.90 -15.60 7.64
C GLU A 274 8.43 -15.16 6.27
N GLY A 275 9.23 -14.11 6.27
CA GLY A 275 9.95 -13.72 5.07
C GLY A 275 9.47 -12.39 4.50
N ALA A 276 9.95 -12.12 3.28
CA ALA A 276 9.68 -10.85 2.62
C ALA A 276 8.19 -10.64 2.42
N GLY A 277 7.80 -9.37 2.39
CA GLY A 277 6.42 -9.02 2.11
C GLY A 277 6.23 -7.53 2.17
N LEU A 278 4.98 -7.11 2.05
CA LEU A 278 4.67 -5.69 2.03
C LEU A 278 4.68 -5.15 3.46
N GLN A 279 5.47 -4.10 3.68
CA GLN A 279 5.64 -3.47 4.99
C GLN A 279 4.61 -2.39 5.25
N HIS A 280 4.46 -1.42 4.35
CA HIS A 280 3.49 -0.37 4.59
C HIS A 280 2.89 0.19 3.32
N LEU A 281 1.68 0.70 3.46
CA LEU A 281 0.97 1.40 2.40
C LEU A 281 0.82 2.84 2.85
N ALA A 282 1.29 3.76 2.03
CA ALA A 282 1.17 5.18 2.34
C ALA A 282 0.00 5.75 1.56
N LEU A 283 -0.97 6.30 2.29
CA LEU A 283 -2.23 6.76 1.71
C LEU A 283 -2.24 8.28 1.73
N MET A 284 -2.36 8.89 0.56
CA MET A 284 -2.39 10.33 0.48
C MET A 284 -3.75 10.84 0.92
N SER A 285 -3.74 11.86 1.75
CA SER A 285 -4.94 12.58 2.16
C SER A 285 -4.94 13.99 1.56
N GLU A 286 -6.11 14.47 1.17
CA GLU A 286 -6.24 15.87 0.74
C GLU A 286 -6.37 16.81 1.93
N ASP A 287 -6.48 16.29 3.13
CA ASP A 287 -6.56 17.10 4.33
C ASP A 287 -6.11 16.24 5.49
N ILE A 288 -4.80 16.14 5.70
CA ILE A 288 -4.26 15.22 6.69
C ILE A 288 -4.76 15.57 8.09
N PHE A 289 -5.01 16.85 8.36
CA PHE A 289 -5.56 17.23 9.66
C PHE A 289 -6.93 16.60 9.88
N ARG A 290 -7.82 16.69 8.89
CA ARG A 290 -9.13 16.07 9.04
C ARG A 290 -9.01 14.56 9.12
N THR A 291 -8.15 13.97 8.28
CA THR A 291 -8.02 12.51 8.31
C THR A 291 -7.60 12.02 9.68
N LEU A 292 -6.66 12.72 10.31
CA LEU A 292 -6.16 12.26 11.60
C LEU A 292 -7.13 12.55 12.72
N ARG A 293 -7.85 13.68 12.66
CA ARG A 293 -8.91 13.88 13.63
C ARG A 293 -9.91 12.74 13.58
N GLU A 294 -10.34 12.36 12.38
CA GLU A 294 -11.36 11.33 12.26
C GLU A 294 -10.82 9.96 12.63
N MET A 295 -9.60 9.64 12.21
CA MET A 295 -9.07 8.32 12.55
C MET A 295 -8.79 8.20 14.04
N ARG A 296 -8.23 9.25 14.66
CA ARG A 296 -7.93 9.16 16.09
C ARG A 296 -9.19 9.08 16.94
N LYS A 297 -10.28 9.72 16.51
CA LYS A 297 -11.55 9.60 17.24
C LYS A 297 -12.00 8.15 17.31
N ARG A 298 -11.60 7.34 16.32
CA ARG A 298 -12.08 5.97 16.21
C ARG A 298 -11.08 4.91 16.65
N SER A 299 -9.86 5.29 17.07
CA SER A 299 -8.82 4.32 17.39
C SER A 299 -9.27 3.24 18.36
N SER A 300 -9.96 3.64 19.44
CA SER A 300 -10.34 2.71 20.49
C SER A 300 -11.77 2.21 20.36
N ILE A 301 -12.45 2.53 19.25
CA ILE A 301 -13.79 2.05 18.99
C ILE A 301 -13.86 1.35 17.63
N GLY A 302 -12.83 0.55 17.35
CA GLY A 302 -12.78 -0.34 16.20
C GLY A 302 -11.80 0.07 15.12
N GLY A 303 -11.24 1.27 15.19
CA GLY A 303 -10.36 1.80 14.17
C GLY A 303 -8.91 1.41 14.34
N PHE A 304 -8.02 2.30 13.92
CA PHE A 304 -6.58 2.05 13.94
C PHE A 304 -5.90 2.92 14.99
N ASP A 305 -4.89 2.36 15.63
CA ASP A 305 -4.05 3.07 16.58
C ASP A 305 -2.87 3.69 15.85
N PHE A 306 -2.31 4.74 16.45
CA PHE A 306 -1.14 5.38 15.90
C PHE A 306 0.06 5.19 16.80
N MET A 307 1.25 5.25 16.18
CA MET A 307 2.49 5.12 16.93
C MET A 307 2.59 6.26 17.95
N PRO A 308 3.39 6.07 19.00
CA PRO A 308 3.56 7.14 20.00
C PRO A 308 4.03 8.44 19.36
N SER A 309 3.44 9.54 19.81
CA SER A 309 3.74 10.83 19.21
C SER A 309 5.14 11.29 19.61
N PRO A 310 5.79 12.10 18.78
CA PRO A 310 7.10 12.63 19.16
C PRO A 310 6.96 13.61 20.30
N PRO A 311 8.03 13.83 21.07
CA PRO A 311 7.95 14.74 22.23
C PRO A 311 7.79 16.18 21.79
N PRO A 312 7.44 17.09 22.71
CA PRO A 312 7.24 18.50 22.32
C PRO A 312 8.47 19.15 21.71
N THR A 313 9.67 18.69 22.07
CA THR A 313 10.88 19.23 21.47
C THR A 313 10.88 19.06 19.96
N TYR A 314 10.31 17.96 19.47
CA TYR A 314 10.19 17.78 18.03
C TYR A 314 9.40 18.91 17.40
N TYR A 315 8.33 19.36 18.06
CA TYR A 315 7.49 20.40 17.48
C TYR A 315 8.11 21.78 17.64
N GLN A 316 8.87 22.01 18.72
CA GLN A 316 9.65 23.24 18.80
C GLN A 316 10.68 23.32 17.68
N ASN A 317 11.33 22.20 17.37
CA ASN A 317 12.32 22.15 16.30
C ASN A 317 11.72 22.32 14.92
N LEU A 318 10.39 22.19 14.78
CA LEU A 318 9.78 22.36 13.47
C LEU A 318 9.84 23.80 12.99
N LYS A 319 9.85 24.77 13.92
CA LYS A 319 9.90 26.16 13.50
C LYS A 319 11.14 26.46 12.66
N LYS A 320 12.29 25.95 13.10
CA LYS A 320 13.53 26.18 12.36
C LYS A 320 13.57 25.38 11.07
N ARG A 321 12.86 24.25 11.02
CA ARG A 321 12.93 23.38 9.84
C ARG A 321 11.93 23.77 8.76
N VAL A 322 10.70 24.14 9.14
CA VAL A 322 9.63 24.33 8.17
C VAL A 322 8.79 25.56 8.50
N GLY A 323 9.35 26.49 9.29
CA GLY A 323 8.63 27.70 9.66
C GLY A 323 8.27 28.60 8.48
N ASP A 324 8.87 28.38 7.32
CA ASP A 324 8.49 29.09 6.10
C ASP A 324 7.40 28.38 5.33
N VAL A 325 6.99 27.19 5.77
CA VAL A 325 5.98 26.40 5.09
C VAL A 325 4.71 26.30 5.91
N LEU A 326 4.83 26.15 7.23
CA LEU A 326 3.70 25.99 8.11
C LEU A 326 3.68 27.12 9.14
N SER A 327 2.50 27.67 9.38
CA SER A 327 2.32 28.66 10.42
C SER A 327 2.47 28.02 11.79
N ASP A 328 2.50 28.84 12.82
CA ASP A 328 2.55 28.34 14.15
C ASP A 328 1.32 27.55 14.47
N ASP A 329 0.14 28.05 14.10
CA ASP A 329 -1.10 27.32 14.34
C ASP A 329 -1.09 25.98 13.62
N GLN A 330 -0.56 25.95 12.40
CA GLN A 330 -0.49 24.70 11.65
C GLN A 330 0.52 23.75 12.27
N ILE A 331 1.62 24.28 12.82
CA ILE A 331 2.55 23.45 13.57
C ILE A 331 1.89 22.93 14.85
N LYS A 332 1.12 23.78 15.54
CA LYS A 332 0.40 23.32 16.73
C LYS A 332 -0.61 22.24 16.38
N GLU A 333 -1.22 22.31 15.21
CA GLU A 333 -2.18 21.30 14.74
C GLU A 333 -1.42 19.99 14.52
N CYS A 334 -0.26 20.05 13.90
CA CYS A 334 0.57 18.85 13.79
C CYS A 334 0.87 18.25 15.16
N GLU A 335 1.19 19.09 16.15
CA GLU A 335 1.50 18.59 17.48
C GLU A 335 0.29 17.94 18.14
N GLU A 336 -0.89 18.56 18.02
CA GLU A 336 -2.12 17.97 18.58
C GLU A 336 -2.39 16.58 18.02
N LEU A 337 -2.02 16.33 16.76
CA LEU A 337 -2.35 15.10 16.06
C LEU A 337 -1.21 14.10 15.97
N GLY A 338 -0.01 14.48 16.42
CA GLY A 338 1.15 13.61 16.34
C GLY A 338 1.77 13.50 14.97
N ILE A 339 1.53 14.46 14.09
CA ILE A 339 2.00 14.42 12.71
C ILE A 339 3.47 14.77 12.66
N LEU A 340 4.22 14.03 11.83
CA LEU A 340 5.62 14.31 11.57
C LEU A 340 5.75 15.09 10.27
N VAL A 341 6.86 15.82 10.15
CA VAL A 341 7.10 16.68 9.00
C VAL A 341 8.53 16.47 8.53
N ASP A 342 8.71 16.34 7.22
CA ASP A 342 10.05 16.30 6.65
C ASP A 342 10.06 17.14 5.38
N ARG A 343 11.27 17.42 4.91
CA ARG A 343 11.45 18.32 3.79
C ARG A 343 12.70 17.88 3.05
N ASP A 344 12.66 17.96 1.72
CA ASP A 344 13.85 17.85 0.90
C ASP A 344 14.10 19.19 0.21
N ASP A 345 14.73 19.16 -0.96
CA ASP A 345 15.02 20.38 -1.69
C ASP A 345 13.86 20.84 -2.58
N GLN A 346 12.83 20.01 -2.76
CA GLN A 346 11.73 20.32 -3.65
C GLN A 346 10.40 20.55 -2.95
N GLY A 347 10.16 19.90 -1.82
CA GLY A 347 8.88 20.06 -1.17
C GLY A 347 8.91 19.58 0.27
N THR A 348 7.73 19.59 0.89
CA THR A 348 7.55 19.26 2.29
C THR A 348 6.48 18.18 2.39
N LEU A 349 6.68 17.25 3.31
CA LEU A 349 5.65 16.23 3.52
C LEU A 349 5.23 16.18 4.98
N LEU A 350 3.96 15.87 5.17
CA LEU A 350 3.39 15.59 6.48
C LEU A 350 3.05 14.09 6.49
N GLN A 351 3.41 13.40 7.57
CA GLN A 351 3.23 11.95 7.62
C GLN A 351 2.97 11.47 9.05
N ILE A 352 2.33 10.31 9.14
CA ILE A 352 2.12 9.65 10.42
C ILE A 352 1.89 8.17 10.16
N PHE A 353 2.19 7.34 11.16
CA PHE A 353 2.18 5.89 11.01
C PHE A 353 1.23 5.24 12.01
N THR A 354 0.47 4.27 11.52
CA THR A 354 -0.33 3.47 12.42
C THR A 354 0.52 2.39 13.08
N LYS A 355 -0.01 1.86 14.19
CA LYS A 355 0.43 0.58 14.70
C LYS A 355 0.05 -0.51 13.69
N PRO A 356 0.62 -1.70 13.82
CA PRO A 356 0.31 -2.77 12.87
C PRO A 356 -1.19 -3.00 12.72
N LEU A 357 -1.59 -3.35 11.49
CA LEU A 357 -3.00 -3.45 11.14
C LEU A 357 -3.65 -4.70 11.71
N GLY A 358 -2.85 -5.72 12.04
CA GLY A 358 -3.41 -6.97 12.56
C GLY A 358 -2.61 -7.52 13.72
N ASP A 359 -2.68 -8.83 13.92
CA ASP A 359 -2.07 -9.45 15.11
C ASP A 359 -0.55 -9.35 15.10
N ARG A 360 0.07 -9.46 13.92
CA ARG A 360 1.52 -9.58 13.85
C ARG A 360 2.15 -8.21 13.66
N PRO A 361 3.39 -8.00 14.17
CA PRO A 361 4.09 -6.71 14.00
C PRO A 361 4.73 -6.63 12.61
N THR A 362 3.86 -6.58 11.60
CA THR A 362 4.29 -6.65 10.21
C THR A 362 3.76 -5.43 9.49
N ILE A 363 2.62 -5.53 8.81
CA ILE A 363 2.14 -4.45 7.96
C ILE A 363 1.53 -3.33 8.79
N PHE A 364 1.75 -2.08 8.36
CA PHE A 364 1.13 -0.91 8.94
C PHE A 364 0.79 0.08 7.82
N ILE A 365 0.13 1.18 8.20
CA ILE A 365 -0.30 2.21 7.26
C ILE A 365 0.38 3.52 7.61
N GLU A 366 0.68 4.28 6.57
CA GLU A 366 1.13 5.65 6.68
C GLU A 366 0.08 6.55 6.04
N ILE A 367 -0.23 7.67 6.71
CA ILE A 367 -1.03 8.73 6.09
C ILE A 367 -0.07 9.85 5.74
N ILE A 368 -0.18 10.38 4.51
CA ILE A 368 0.75 11.38 4.01
C ILE A 368 0.00 12.49 3.28
N GLN A 369 0.57 13.69 3.29
CA GLN A 369 0.15 14.77 2.41
C GLN A 369 1.38 15.59 2.07
N ARG A 370 1.48 16.00 0.81
CA ARG A 370 2.69 16.61 0.25
C ARG A 370 2.40 18.04 -0.15
N VAL A 371 3.38 18.91 0.10
CA VAL A 371 3.28 20.35 -0.16
C VAL A 371 4.41 20.74 -1.11
N GLY A 372 4.05 21.32 -2.25
CA GLY A 372 5.04 21.83 -3.17
C GLY A 372 5.04 21.13 -4.52
N CYS A 373 6.12 21.31 -5.28
CA CYS A 373 6.32 20.64 -6.58
C CYS A 373 5.10 20.80 -7.49
N MET A 374 4.51 21.99 -7.49
CA MET A 374 3.35 22.28 -8.32
C MET A 374 3.77 22.69 -9.73
N MET A 375 3.34 21.92 -10.69
CA MET A 375 3.66 22.19 -12.07
C MET A 375 2.44 22.77 -12.78
N TYR A 383 -0.58 20.37 -11.55
CA TYR A 383 -0.49 19.13 -10.79
C TYR A 383 0.74 19.08 -9.96
N GLN A 384 0.76 18.12 -9.03
CA GLN A 384 1.89 17.93 -8.15
C GLN A 384 2.76 16.76 -8.59
N SER A 385 4.07 16.95 -8.62
CA SER A 385 4.96 15.89 -9.07
C SER A 385 5.03 14.76 -8.06
N GLY A 386 5.22 13.53 -8.52
CA GLY A 386 5.25 12.42 -7.59
C GLY A 386 6.41 12.48 -6.63
N GLY A 387 6.15 12.02 -5.40
CA GLY A 387 7.20 11.92 -4.41
C GLY A 387 7.67 13.26 -3.88
N CYS A 388 6.88 14.31 -4.07
CA CYS A 388 7.26 15.64 -3.64
C CYS A 388 7.54 15.68 -2.15
N GLY A 389 8.79 15.99 -1.79
CA GLY A 389 9.19 16.06 -0.41
C GLY A 389 9.89 14.83 0.11
N GLY A 390 9.87 13.73 -0.66
CA GLY A 390 10.59 12.54 -0.27
C GLY A 390 9.74 11.51 0.45
N PHE A 391 10.36 10.78 1.39
CA PHE A 391 9.65 9.74 2.12
C PHE A 391 9.83 9.84 3.63
N GLY A 392 10.42 10.93 4.12
CA GLY A 392 10.57 11.12 5.55
C GLY A 392 11.82 10.55 6.16
N LYS A 393 12.83 10.21 5.34
CA LYS A 393 14.06 9.65 5.90
C LYS A 393 14.73 10.62 6.88
N GLY A 394 14.57 11.92 6.66
CA GLY A 394 15.13 12.89 7.58
C GLY A 394 14.53 12.83 8.97
N ASN A 395 13.38 12.18 9.11
CA ASN A 395 12.71 12.09 10.40
C ASN A 395 13.32 11.02 11.30
N PHE A 396 14.10 10.09 10.76
CA PHE A 396 14.83 9.17 11.64
C PHE A 396 15.76 9.96 12.56
N SER A 397 16.53 10.91 11.99
CA SER A 397 17.44 11.71 12.80
C SER A 397 16.68 12.70 13.67
N GLU A 398 15.65 13.35 13.13
CA GLU A 398 14.95 14.39 13.88
C GLU A 398 14.18 13.82 15.06
N LEU A 399 13.56 12.66 14.87
CA LEU A 399 12.90 11.99 15.98
C LEU A 399 13.92 11.64 17.06
N PHE A 400 15.03 11.01 16.65
CA PHE A 400 16.10 10.64 17.57
C PHE A 400 16.57 11.85 18.36
N LYS A 401 17.00 12.90 17.64
CA LYS A 401 17.44 14.13 18.30
C LYS A 401 16.37 14.67 19.24
N SER A 402 15.11 14.70 18.79
CA SER A 402 14.02 15.17 19.64
C SER A 402 13.96 14.42 20.96
N ILE A 403 14.05 13.08 20.89
CA ILE A 403 13.89 12.27 22.09
C ILE A 403 15.03 12.50 23.06
N GLU A 404 16.27 12.57 22.55
CA GLU A 404 17.41 12.85 23.41
C GLU A 404 17.31 14.24 24.02
N GLU A 405 16.99 15.25 23.20
CA GLU A 405 16.88 16.61 23.75
C GLU A 405 15.62 16.78 24.60
N TYR A 406 14.65 15.87 24.51
CA TYR A 406 13.52 15.93 25.43
C TYR A 406 13.85 15.29 26.77
N GLU A 407 14.75 14.30 26.79
CA GLU A 407 15.34 13.88 28.06
C GLU A 407 15.89 15.08 28.82
N LYS A 408 16.56 15.98 28.10
CA LYS A 408 16.77 17.36 28.55
C LYS A 408 17.42 17.51 29.92
C10 A1LV9 B . 9.12 6.16 6.96
C13 A1LV9 B . 9.98 8.03 8.59
C15 A1LV9 B . 9.21 5.66 9.53
C01 A1LV9 B . 12.25 4.84 3.93
C02 A1LV9 B . 11.80 5.27 2.71
C03 A1LV9 B . 10.61 4.59 2.29
C04 A1LV9 B . 9.45 4.94 3.17
C05 A1LV9 B . 9.76 5.01 4.68
C06 A1LV9 B . 11.28 5.02 5.11
C09 A1LV9 B . 8.76 5.69 5.58
C12 A1LV9 B . 9.66 7.57 7.17
C14 A1LV9 B . 9.74 7.04 9.72
C16 A1LV9 B . 8.90 5.23 8.12
C18 A1LV9 B . 12.19 3.29 3.74
C19 A1LV9 B . 10.98 3.12 2.63
C23 A1LV9 B . 9.81 9.29 11.60
O07 A1LV9 B . 11.55 4.34 6.29
O08 A1LV9 B . 8.37 5.17 2.77
O11 A1LV9 B . 7.64 5.88 5.22
O21 A1LV9 B . 11.36 7.01 11.90
O22 A1LV9 B . 9.11 6.84 12.30
S20 A1LV9 B . 10.07 7.51 11.41
CL1 A1LV9 B . 8.27 3.59 7.90
CO CO C . 6.53 5.74 3.61
#